data_1KFD
#
_entry.id   1KFD
#
_cell.length_a   104.300
_cell.length_b   104.300
_cell.length_c   86.000
_cell.angle_alpha   90.00
_cell.angle_beta   90.00
_cell.angle_gamma   90.00
#
_symmetry.space_group_name_H-M   'P 43'
#
loop_
_entity.id
_entity.type
_entity.pdbx_description
1 polymer 'DNA POLYMERASE I KLENOW FRAGMENT'
2 non-polymer "CYTIDINE-5'-TRIPHOSPHATE"
#
_entity_poly.entity_id   1
_entity_poly.type   'polypeptide(L)'
_entity_poly.pdbx_seq_one_letter_code
;VISYDNYVTILDEETLKAWIAKLEKAPVFAFDTETDSLDNISANLVGLSFAIEPGVAAYIPVAHDYLDAPDQISRERALE
LLKPLLEDEKALKVGQNLKYDRGILANYGIELRGIAFDTMLESYILNSVAGRHDMDSLAERWLKHKTITFEEIAGKGKNQ
LTFNQIALEEAGRYAAEDADVTLQLHLKMWPDLQKHKGPLNVFENIEMPLVPVLSRIERNGVKIDPKVLHNHSEELTLRL
AELEKKAHEIAGEEFNLSSTKQLQTILFEKQGIKPLKKTPGGAPSTSEEVLEELALDYPLPKVILEYRGLAKLKSTYTDK
LPLMINPKTGRVHTSYHQAVTATGRLSSTDPNLQNIPVRNEEGRRIRQAFIAPEDYVIVSADYSQIELRIMAHLSRDKGL
LTAFAEGKDIHRATAAEVFGLPLETVTSEQRRSAKAINFGLIYGMSAFGLARQLNIPRKEAQKYMDLYFERYPGVLEYME
RTRAQAKEQGYVETLDGRRLYLPDIKSSNGARRAAAERAAINAPMQGTAADIIKRAMIAVDAWLQAEQPRVRMIMQVHDE
LVFEVHKDDVDAVAKQIHQLMENCTRLDVPLLVEVGSGENWDQAH
;
_entity_poly.pdbx_strand_id   A
#
# COMPACT_ATOMS: atom_id res chain seq x y z
N VAL A 1 13.62 -25.80 23.49
CA VAL A 1 12.43 -25.07 23.10
C VAL A 1 12.60 -23.62 23.60
N ILE A 2 11.72 -23.11 24.50
CA ILE A 2 11.69 -21.78 25.11
C ILE A 2 10.53 -21.91 26.09
N SER A 3 10.62 -21.29 27.26
CA SER A 3 9.57 -21.40 28.26
C SER A 3 9.72 -20.39 29.40
N TYR A 4 9.11 -20.74 30.52
CA TYR A 4 8.99 -19.97 31.75
C TYR A 4 10.25 -19.45 32.45
N ASP A 5 11.44 -19.98 32.14
CA ASP A 5 12.67 -19.54 32.80
C ASP A 5 13.40 -18.43 32.01
N ASN A 6 13.05 -18.18 30.73
CA ASN A 6 13.80 -17.22 29.91
C ASN A 6 13.44 -15.76 30.13
N TYR A 7 12.15 -15.57 29.99
CA TYR A 7 11.57 -14.25 30.02
C TYR A 7 10.84 -14.08 31.33
N VAL A 8 10.60 -12.84 31.74
CA VAL A 8 9.93 -12.64 33.00
C VAL A 8 8.54 -12.13 32.75
N THR A 9 7.54 -12.56 33.50
CA THR A 9 6.22 -12.01 33.32
C THR A 9 6.07 -10.95 34.41
N ILE A 10 5.71 -9.71 34.14
CA ILE A 10 5.65 -8.74 35.20
C ILE A 10 4.25 -8.58 35.74
N LEU A 11 4.05 -9.02 36.98
CA LEU A 11 2.77 -8.94 37.63
C LEU A 11 2.72 -7.89 38.74
N ASP A 12 3.70 -6.99 38.88
CA ASP A 12 3.62 -5.98 39.93
C ASP A 12 4.31 -4.72 39.54
N GLU A 13 3.74 -3.59 39.98
CA GLU A 13 4.25 -2.26 39.72
C GLU A 13 5.69 -1.99 39.99
N GLU A 14 6.24 -2.42 41.15
CA GLU A 14 7.63 -2.16 41.52
C GLU A 14 8.55 -2.73 40.43
N THR A 15 8.27 -3.95 39.97
CA THR A 15 9.08 -4.55 38.93
C THR A 15 8.90 -3.78 37.63
N LEU A 16 7.66 -3.35 37.34
CA LEU A 16 7.38 -2.59 36.15
C LEU A 16 8.12 -1.29 36.19
N LYS A 17 8.14 -0.55 37.28
CA LYS A 17 8.85 0.72 37.30
C LYS A 17 10.35 0.50 37.07
N ALA A 18 10.89 -0.61 37.60
CA ALA A 18 12.29 -0.98 37.41
C ALA A 18 12.61 -1.19 35.93
N TRP A 19 11.70 -1.89 35.24
CA TRP A 19 11.85 -2.11 33.84
C TRP A 19 11.73 -0.82 33.06
N ILE A 20 10.88 0.12 33.45
CA ILE A 20 10.74 1.37 32.73
C ILE A 20 12.04 2.17 32.84
N ALA A 21 12.71 2.14 34.00
CA ALA A 21 13.95 2.85 34.20
C ALA A 21 14.96 2.28 33.29
N LYS A 22 15.03 0.96 33.13
CA LYS A 22 16.02 0.50 32.18
C LYS A 22 15.64 0.76 30.72
N LEU A 23 14.35 0.86 30.40
CA LEU A 23 13.90 1.16 29.03
C LEU A 23 14.28 2.59 28.68
N GLU A 24 14.21 3.48 29.68
CA GLU A 24 14.55 4.88 29.56
C GLU A 24 16.00 5.10 29.24
N LYS A 25 16.86 4.14 29.53
CA LYS A 25 18.26 4.36 29.26
C LYS A 25 18.76 3.46 28.16
N ALA A 26 17.89 2.64 27.55
CA ALA A 26 18.29 1.76 26.46
C ALA A 26 18.35 2.60 25.21
N PRO A 27 19.28 2.39 24.25
CA PRO A 27 19.36 3.17 23.03
C PRO A 27 18.10 3.02 22.15
N VAL A 28 17.69 1.77 21.93
CA VAL A 28 16.50 1.38 21.21
C VAL A 28 15.95 0.26 22.05
N PHE A 29 14.64 0.04 22.05
CA PHE A 29 14.12 -1.11 22.73
C PHE A 29 13.02 -1.70 21.84
N ALA A 30 12.74 -3.00 21.94
CA ALA A 30 11.70 -3.66 21.14
C ALA A 30 10.39 -3.49 21.86
N PHE A 31 9.31 -3.30 21.12
CA PHE A 31 8.00 -3.10 21.71
C PHE A 31 7.00 -3.93 20.93
N ASP A 32 6.00 -4.46 21.64
CA ASP A 32 4.96 -5.27 21.02
C ASP A 32 3.74 -5.20 21.92
N THR A 33 2.56 -5.40 21.33
CA THR A 33 1.33 -5.39 22.09
C THR A 33 0.60 -6.65 21.74
N GLU A 34 -0.16 -7.22 22.64
CA GLU A 34 -1.00 -8.38 22.41
C GLU A 34 -2.43 -7.93 22.65
N THR A 35 -3.35 -8.42 21.84
CA THR A 35 -4.74 -8.01 21.87
C THR A 35 -5.69 -9.18 21.71
N ASP A 36 -6.98 -8.94 21.93
CA ASP A 36 -7.99 -9.99 21.71
C ASP A 36 -8.62 -9.98 20.32
N SER A 37 -8.03 -9.36 19.28
CA SER A 37 -8.65 -9.28 17.97
C SER A 37 -7.70 -8.70 16.95
N LEU A 38 -7.82 -9.13 15.68
CA LEU A 38 -7.04 -8.52 14.61
C LEU A 38 -7.69 -7.20 14.15
N ASP A 39 -8.96 -6.95 14.46
CA ASP A 39 -9.55 -5.68 14.04
C ASP A 39 -9.03 -4.61 15.00
N ASN A 40 -8.07 -3.89 14.49
CA ASN A 40 -7.39 -2.81 15.16
C ASN A 40 -8.27 -1.85 15.91
N ILE A 41 -9.46 -1.56 15.40
CA ILE A 41 -10.26 -0.57 16.09
C ILE A 41 -11.20 -1.18 17.14
N SER A 42 -11.41 -2.50 17.14
CA SER A 42 -12.22 -3.18 18.15
C SER A 42 -11.35 -4.08 19.01
N ALA A 43 -10.05 -4.13 18.77
CA ALA A 43 -9.15 -4.98 19.54
C ALA A 43 -8.99 -4.43 20.92
N ASN A 44 -8.70 -5.26 21.90
CA ASN A 44 -8.49 -4.80 23.26
C ASN A 44 -7.10 -5.17 23.68
N LEU A 45 -6.39 -4.23 24.28
CA LEU A 45 -5.06 -4.53 24.77
C LEU A 45 -5.13 -5.56 25.87
N VAL A 46 -4.55 -6.72 25.62
CA VAL A 46 -4.48 -7.81 26.60
C VAL A 46 -3.13 -7.79 27.35
N GLY A 47 -2.03 -7.31 26.77
CA GLY A 47 -0.73 -7.28 27.41
C GLY A 47 0.30 -6.64 26.46
N LEU A 48 1.45 -6.20 26.93
CA LEU A 48 2.44 -5.58 26.07
C LEU A 48 3.79 -6.27 26.35
N SER A 49 4.82 -6.11 25.50
CA SER A 49 6.13 -6.70 25.74
C SER A 49 7.24 -5.88 25.15
N PHE A 50 8.39 -5.93 25.80
CA PHE A 50 9.55 -5.15 25.48
C PHE A 50 10.76 -6.03 25.55
N ALA A 51 11.81 -5.56 24.91
CA ALA A 51 13.09 -6.24 24.91
C ALA A 51 14.12 -5.14 24.90
N ILE A 52 15.10 -5.19 25.78
CA ILE A 52 16.13 -4.16 25.81
C ILE A 52 17.47 -4.62 25.29
N GLU A 53 17.60 -5.93 25.07
CA GLU A 53 18.86 -6.52 24.71
C GLU A 53 18.56 -7.92 24.27
N PRO A 54 19.30 -8.55 23.37
CA PRO A 54 19.03 -9.92 22.95
C PRO A 54 18.93 -10.88 24.11
N GLY A 55 17.71 -11.34 24.34
CA GLY A 55 17.47 -12.34 25.35
C GLY A 55 16.87 -11.76 26.59
N VAL A 56 16.92 -10.44 26.80
CA VAL A 56 16.35 -9.88 27.99
C VAL A 56 15.03 -9.24 27.57
N ALA A 57 13.90 -9.92 27.81
CA ALA A 57 12.58 -9.41 27.46
C ALA A 57 11.58 -9.78 28.54
N ALA A 58 10.50 -8.98 28.65
CA ALA A 58 9.43 -9.17 29.65
C ALA A 58 8.05 -9.05 29.03
N TYR A 59 7.05 -9.69 29.63
CA TYR A 59 5.68 -9.60 29.16
C TYR A 59 4.89 -9.05 30.33
N ILE A 60 4.12 -8.01 30.09
CA ILE A 60 3.29 -7.40 31.11
C ILE A 60 1.80 -7.76 30.81
N PRO A 61 1.17 -8.78 31.45
CA PRO A 61 -0.23 -9.18 31.25
C PRO A 61 -1.13 -8.15 31.85
N VAL A 62 -2.04 -7.51 31.13
CA VAL A 62 -2.88 -6.54 31.83
C VAL A 62 -4.33 -6.94 31.80
N ALA A 63 -4.75 -7.88 30.94
CA ALA A 63 -6.16 -8.24 30.87
C ALA A 63 -6.48 -9.71 30.55
N HIS A 64 -5.73 -10.67 31.09
CA HIS A 64 -6.06 -12.05 30.83
C HIS A 64 -7.15 -12.26 31.86
N ASP A 65 -8.30 -12.69 31.41
CA ASP A 65 -9.43 -12.83 32.31
C ASP A 65 -9.95 -14.22 32.43
N TYR A 66 -9.15 -15.20 32.01
CA TYR A 66 -9.59 -16.57 32.14
C TYR A 66 -9.89 -16.92 33.62
N LEU A 67 -10.52 -18.08 33.83
CA LEU A 67 -10.91 -18.56 35.14
C LEU A 67 -9.72 -18.56 36.05
N ASP A 68 -9.88 -17.96 37.20
CA ASP A 68 -8.82 -17.87 38.22
C ASP A 68 -7.54 -17.23 37.72
N ALA A 69 -7.62 -16.37 36.69
CA ALA A 69 -6.46 -15.66 36.19
C ALA A 69 -5.72 -14.97 37.34
N PRO A 70 -4.41 -15.13 37.47
CA PRO A 70 -3.60 -14.51 38.51
C PRO A 70 -3.73 -13.00 38.46
N ASP A 71 -3.78 -12.26 39.57
CA ASP A 71 -3.89 -10.80 39.50
C ASP A 71 -2.75 -10.19 38.70
N GLN A 72 -3.04 -9.15 37.93
CA GLN A 72 -2.08 -8.51 37.03
C GLN A 72 -2.20 -7.01 37.19
N ILE A 73 -1.25 -6.21 36.71
CA ILE A 73 -1.37 -4.76 36.80
C ILE A 73 -2.58 -4.37 35.97
N SER A 74 -3.42 -3.47 36.42
CA SER A 74 -4.59 -3.09 35.64
C SER A 74 -4.16 -2.33 34.42
N ARG A 75 -4.86 -2.57 33.32
CA ARG A 75 -4.60 -1.93 32.06
C ARG A 75 -4.44 -0.43 32.19
N GLU A 76 -5.26 0.27 32.94
CA GLU A 76 -5.15 1.71 33.04
C GLU A 76 -3.88 2.21 33.73
N ARG A 77 -3.46 1.49 34.77
CA ARG A 77 -2.27 1.87 35.50
C ARG A 77 -1.05 1.52 34.69
N ALA A 78 -0.99 0.35 34.05
CA ALA A 78 0.15 0.01 33.21
C ALA A 78 0.30 1.07 32.13
N LEU A 79 -0.77 1.46 31.43
CA LEU A 79 -0.71 2.49 30.40
C LEU A 79 -0.34 3.83 30.95
N GLU A 80 -0.76 4.29 32.15
CA GLU A 80 -0.29 5.60 32.56
C GLU A 80 1.18 5.58 32.97
N LEU A 81 1.70 4.45 33.45
CA LEU A 81 3.12 4.39 33.78
C LEU A 81 3.93 4.37 32.51
N LEU A 82 3.47 3.61 31.49
CA LEU A 82 4.12 3.47 30.18
C LEU A 82 3.87 4.62 29.20
N LYS A 83 2.80 5.39 29.34
CA LYS A 83 2.46 6.47 28.43
C LYS A 83 3.58 7.45 28.16
N PRO A 84 4.22 8.16 29.09
CA PRO A 84 5.29 9.08 28.76
C PRO A 84 6.45 8.44 28.04
N LEU A 85 6.75 7.17 28.27
CA LEU A 85 7.82 6.49 27.56
C LEU A 85 7.41 6.30 26.10
N LEU A 86 6.21 5.73 25.93
CA LEU A 86 5.66 5.44 24.61
C LEU A 86 5.52 6.68 23.74
N GLU A 87 5.04 7.78 24.32
CA GLU A 87 4.83 9.02 23.60
C GLU A 87 6.11 9.82 23.44
N ASP A 88 7.27 9.35 23.88
CA ASP A 88 8.50 10.09 23.77
C ASP A 88 9.15 9.84 22.43
N GLU A 89 9.25 10.89 21.62
CA GLU A 89 9.88 10.75 20.32
C GLU A 89 11.36 10.42 20.36
N LYS A 90 12.05 10.87 21.41
CA LYS A 90 13.46 10.58 21.49
C LYS A 90 13.68 9.19 22.04
N ALA A 91 12.64 8.45 22.45
CA ALA A 91 12.81 7.10 22.94
C ALA A 91 12.49 6.20 21.76
N LEU A 92 13.50 5.70 21.04
CA LEU A 92 13.30 4.90 19.84
C LEU A 92 12.94 3.46 20.08
N LYS A 93 12.00 2.99 19.25
CA LYS A 93 11.43 1.66 19.32
C LYS A 93 11.65 0.94 18.02
N VAL A 94 11.75 -0.38 18.15
CA VAL A 94 11.85 -1.31 17.04
C VAL A 94 10.57 -2.16 17.14
N GLY A 95 9.98 -2.59 16.06
CA GLY A 95 8.79 -3.42 16.17
C GLY A 95 8.55 -4.12 14.86
N GLN A 96 7.67 -5.13 14.85
CA GLN A 96 7.27 -5.84 13.64
C GLN A 96 5.84 -5.39 13.38
N ASN A 97 5.62 -4.65 12.30
CA ASN A 97 4.34 -4.07 11.93
C ASN A 97 3.85 -3.14 13.02
N LEU A 98 4.62 -2.08 13.16
CA LEU A 98 4.31 -1.05 14.13
C LEU A 98 3.03 -0.33 13.78
N LYS A 99 2.51 -0.50 12.55
CA LYS A 99 1.22 0.07 12.16
C LYS A 99 0.13 -0.50 13.05
N TYR A 100 0.13 -1.81 13.30
CA TYR A 100 -0.88 -2.40 14.16
C TYR A 100 -0.81 -1.84 15.60
N ASP A 101 0.39 -1.84 16.19
CA ASP A 101 0.59 -1.41 17.56
C ASP A 101 0.30 0.05 17.76
N ARG A 102 0.65 0.93 16.84
CA ARG A 102 0.34 2.33 16.99
C ARG A 102 -1.16 2.48 17.08
N GLY A 103 -1.89 1.73 16.27
CA GLY A 103 -3.35 1.79 16.27
C GLY A 103 -3.95 1.33 17.59
N ILE A 104 -3.46 0.22 18.11
CA ILE A 104 -3.94 -0.29 19.39
C ILE A 104 -3.76 0.73 20.47
N LEU A 105 -2.62 1.40 20.55
CA LEU A 105 -2.47 2.41 21.58
C LEU A 105 -3.37 3.59 21.29
N ALA A 106 -3.61 3.97 20.04
CA ALA A 106 -4.49 5.11 19.73
C ALA A 106 -5.93 4.84 20.21
N ASN A 107 -6.31 3.57 20.42
CA ASN A 107 -7.60 3.27 21.02
C ASN A 107 -7.70 3.74 22.49
N TYR A 108 -6.56 4.06 23.11
CA TYR A 108 -6.54 4.50 24.49
C TYR A 108 -6.09 5.94 24.57
N GLY A 109 -6.06 6.70 23.47
CA GLY A 109 -5.60 8.08 23.54
C GLY A 109 -4.08 8.19 23.59
N ILE A 110 -3.29 7.18 23.21
CA ILE A 110 -1.87 7.37 23.29
C ILE A 110 -1.28 7.51 21.89
N GLU A 111 -0.39 8.46 21.67
CA GLU A 111 0.26 8.64 20.38
C GLU A 111 1.65 7.99 20.42
N LEU A 112 1.90 6.86 19.76
CA LEU A 112 3.23 6.23 19.78
C LEU A 112 4.18 7.15 19.06
N ARG A 113 5.35 7.46 19.63
CA ARG A 113 6.20 8.35 18.90
C ARG A 113 7.59 7.89 18.54
N GLY A 114 8.20 6.90 19.17
CA GLY A 114 9.56 6.60 18.71
C GLY A 114 9.55 5.59 17.59
N ILE A 115 8.71 5.72 16.55
CA ILE A 115 8.60 4.72 15.50
C ILE A 115 9.77 4.80 14.55
N ALA A 116 10.88 4.33 15.07
CA ALA A 116 12.10 4.38 14.35
C ALA A 116 12.38 3.16 13.48
N PHE A 117 12.14 1.92 13.91
CA PHE A 117 12.50 0.77 13.07
C PHE A 117 11.43 -0.26 13.05
N ASP A 118 11.03 -0.69 11.87
CA ASP A 118 10.06 -1.73 11.74
C ASP A 118 10.80 -2.82 11.00
N THR A 119 10.98 -3.99 11.57
CA THR A 119 11.71 -5.06 10.92
C THR A 119 11.09 -5.63 9.65
N MET A 120 9.77 -5.48 9.49
CA MET A 120 9.10 -5.89 8.27
C MET A 120 9.57 -4.97 7.12
N LEU A 121 9.72 -3.67 7.39
CA LEU A 121 10.10 -2.75 6.35
C LEU A 121 11.56 -2.76 6.15
N GLU A 122 12.34 -3.12 7.17
CA GLU A 122 13.78 -3.29 6.98
C GLU A 122 14.00 -4.37 5.94
N SER A 123 13.36 -5.52 6.17
CA SER A 123 13.43 -6.65 5.27
C SER A 123 13.04 -6.28 3.83
N TYR A 124 11.86 -5.68 3.72
CA TYR A 124 11.29 -5.26 2.46
C TYR A 124 12.20 -4.32 1.70
N ILE A 125 12.80 -3.34 2.37
CA ILE A 125 13.68 -2.44 1.66
C ILE A 125 15.01 -3.12 1.29
N LEU A 126 15.39 -4.21 1.95
CA LEU A 126 16.66 -4.85 1.66
C LEU A 126 16.60 -5.58 0.32
N ASN A 127 15.51 -6.33 0.12
CA ASN A 127 15.23 -7.08 -1.10
C ASN A 127 13.79 -7.48 -1.00
N SER A 128 12.94 -6.73 -1.68
CA SER A 128 11.49 -6.96 -1.68
C SER A 128 11.07 -8.33 -2.12
N VAL A 129 11.81 -8.96 -3.04
CA VAL A 129 11.39 -10.26 -3.53
C VAL A 129 12.02 -11.44 -2.81
N ALA A 130 12.75 -11.19 -1.72
CA ALA A 130 13.45 -12.23 -0.96
C ALA A 130 12.53 -13.28 -0.38
N GLY A 131 11.29 -12.94 -0.10
CA GLY A 131 10.36 -13.92 0.41
C GLY A 131 9.34 -13.21 1.25
N ARG A 132 8.66 -13.96 2.11
CA ARG A 132 7.66 -13.38 2.98
C ARG A 132 8.37 -12.53 4.03
N HIS A 133 7.85 -11.37 4.35
CA HIS A 133 8.49 -10.46 5.29
C HIS A 133 7.87 -10.45 6.67
N ASP A 134 7.23 -11.55 7.03
CA ASP A 134 6.60 -11.60 8.34
C ASP A 134 7.59 -12.14 9.34
N MET A 135 7.42 -11.81 10.60
CA MET A 135 8.34 -12.21 11.64
C MET A 135 8.77 -13.65 11.66
N ASP A 136 7.86 -14.60 11.47
CA ASP A 136 8.21 -16.00 11.54
C ASP A 136 9.09 -16.42 10.38
N SER A 137 8.96 -15.76 9.23
CA SER A 137 9.79 -16.04 8.07
C SER A 137 11.16 -15.48 8.32
N LEU A 138 11.22 -14.22 8.73
CA LEU A 138 12.46 -13.53 8.98
C LEU A 138 13.30 -14.28 10.01
N ALA A 139 12.68 -14.76 11.09
CA ALA A 139 13.39 -15.48 12.15
C ALA A 139 14.09 -16.70 11.60
N GLU A 140 13.50 -17.37 10.63
CA GLU A 140 14.12 -18.53 10.05
C GLU A 140 15.21 -18.09 9.13
N ARG A 141 14.97 -17.09 8.29
CA ARG A 141 15.97 -16.59 7.37
C ARG A 141 17.16 -15.96 8.05
N TRP A 142 16.95 -14.88 8.78
CA TRP A 142 18.02 -14.18 9.43
C TRP A 142 18.51 -14.76 10.72
N LEU A 143 17.75 -15.52 11.48
CA LEU A 143 18.28 -16.03 12.74
C LEU A 143 18.25 -17.54 12.83
N LYS A 144 17.72 -18.22 11.81
CA LYS A 144 17.57 -19.67 11.80
C LYS A 144 16.84 -20.15 13.06
N HIS A 145 15.85 -19.35 13.47
CA HIS A 145 15.07 -19.62 14.64
C HIS A 145 13.64 -19.92 14.29
N LYS A 146 13.09 -20.97 14.91
CA LYS A 146 11.71 -21.36 14.74
C LYS A 146 10.94 -20.76 15.92
N THR A 147 10.07 -19.82 15.59
CA THR A 147 9.27 -19.11 16.55
C THR A 147 7.98 -19.83 16.95
N ILE A 148 7.44 -19.47 18.10
CA ILE A 148 6.17 -19.98 18.61
C ILE A 148 5.08 -19.32 17.78
N THR A 149 4.42 -20.08 16.95
CA THR A 149 3.34 -19.56 16.14
C THR A 149 2.09 -19.26 16.96
N PHE A 150 1.26 -18.25 16.64
CA PHE A 150 0.06 -17.95 17.41
C PHE A 150 -0.87 -19.18 17.60
N GLU A 151 -1.01 -20.04 16.59
CA GLU A 151 -1.90 -21.17 16.72
C GLU A 151 -1.33 -22.30 17.56
N GLU A 152 -0.07 -22.20 17.99
CA GLU A 152 0.55 -23.18 18.87
C GLU A 152 0.10 -22.92 20.30
N ILE A 153 -0.15 -21.65 20.68
CA ILE A 153 -0.61 -21.30 22.03
C ILE A 153 -2.13 -21.14 22.10
N ALA A 154 -2.76 -20.81 20.95
CA ALA A 154 -4.19 -20.55 20.87
C ALA A 154 -5.06 -21.65 20.21
N GLY A 155 -4.55 -22.37 19.25
CA GLY A 155 -5.34 -23.40 18.62
C GLY A 155 -5.58 -23.03 17.19
N LYS A 156 -6.50 -23.72 16.54
CA LYS A 156 -6.77 -23.46 15.15
C LYS A 156 -8.27 -23.59 14.98
N GLY A 157 -8.82 -22.90 13.98
CA GLY A 157 -10.23 -23.04 13.70
C GLY A 157 -11.16 -22.23 14.60
N LYS A 158 -12.44 -22.60 14.54
CA LYS A 158 -13.49 -21.93 15.28
C LYS A 158 -13.15 -21.90 16.74
N ASN A 159 -12.53 -22.97 17.23
CA ASN A 159 -12.20 -22.99 18.63
C ASN A 159 -10.69 -22.80 18.86
N GLN A 160 -10.36 -21.56 18.55
CA GLN A 160 -9.06 -20.99 18.75
C GLN A 160 -9.37 -20.04 19.88
N LEU A 161 -8.50 -19.94 20.85
CA LEU A 161 -8.72 -19.03 21.94
C LEU A 161 -8.36 -17.61 21.56
N THR A 162 -8.79 -16.67 22.38
CA THR A 162 -8.46 -15.30 22.16
C THR A 162 -7.35 -15.04 23.21
N PHE A 163 -6.39 -14.13 22.96
CA PHE A 163 -5.23 -13.94 23.82
C PHE A 163 -5.53 -13.87 25.30
N ASN A 164 -6.58 -13.20 25.73
CA ASN A 164 -6.90 -13.11 27.16
C ASN A 164 -7.28 -14.42 27.84
N GLN A 165 -7.43 -15.47 27.07
CA GLN A 165 -7.84 -16.75 27.59
C GLN A 165 -6.65 -17.65 27.78
N ILE A 166 -5.54 -17.28 27.18
CA ILE A 166 -4.33 -18.08 27.24
C ILE A 166 -3.69 -17.87 28.60
N ALA A 167 -3.09 -18.93 29.13
CA ALA A 167 -2.46 -18.85 30.45
C ALA A 167 -1.37 -17.83 30.41
N LEU A 168 -1.13 -17.13 31.52
CA LEU A 168 -0.11 -16.09 31.65
C LEU A 168 1.27 -16.45 31.15
N GLU A 169 1.80 -17.60 31.56
CA GLU A 169 3.10 -18.03 31.17
C GLU A 169 3.19 -18.53 29.75
N GLU A 170 2.14 -19.10 29.16
CA GLU A 170 2.19 -19.48 27.76
C GLU A 170 2.12 -18.23 26.93
N ALA A 171 1.28 -17.28 27.34
CA ALA A 171 1.15 -15.98 26.70
C ALA A 171 2.46 -15.20 26.70
N GLY A 172 3.16 -15.26 27.84
CA GLY A 172 4.43 -14.59 28.10
C GLY A 172 5.54 -15.07 27.20
N ARG A 173 5.68 -16.41 27.04
CA ARG A 173 6.70 -16.97 26.13
C ARG A 173 6.55 -16.44 24.71
N TYR A 174 5.34 -16.44 24.20
CA TYR A 174 5.03 -15.93 22.90
C TYR A 174 5.32 -14.44 22.81
N ALA A 175 4.71 -13.60 23.64
CA ALA A 175 4.88 -12.15 23.59
C ALA A 175 6.27 -11.64 23.85
N ALA A 176 6.97 -12.14 24.88
CA ALA A 176 8.34 -11.74 25.18
C ALA A 176 9.22 -12.22 24.04
N GLU A 177 8.97 -13.41 23.44
CA GLU A 177 9.76 -13.88 22.30
C GLU A 177 9.60 -12.92 21.13
N ASP A 178 8.37 -12.48 20.87
CA ASP A 178 8.11 -11.54 19.80
C ASP A 178 8.96 -10.33 19.96
N ALA A 179 9.02 -9.81 21.16
CA ALA A 179 9.83 -8.65 21.45
C ALA A 179 11.30 -8.92 21.21
N ASP A 180 11.78 -10.04 21.74
CA ASP A 180 13.15 -10.43 21.62
C ASP A 180 13.59 -10.64 20.18
N VAL A 181 12.97 -11.56 19.43
CA VAL A 181 13.28 -11.82 18.03
C VAL A 181 13.30 -10.55 17.21
N THR A 182 12.32 -9.67 17.34
CA THR A 182 12.29 -8.41 16.61
C THR A 182 13.59 -7.65 16.80
N LEU A 183 14.06 -7.59 18.06
CA LEU A 183 15.28 -6.87 18.37
C LEU A 183 16.47 -7.57 17.73
N GLN A 184 16.55 -8.89 17.82
CA GLN A 184 17.67 -9.58 17.19
C GLN A 184 17.75 -9.34 15.68
N LEU A 185 16.61 -9.45 14.99
CA LEU A 185 16.48 -9.20 13.55
C LEU A 185 16.90 -7.79 13.24
N HIS A 186 16.49 -6.83 14.06
CA HIS A 186 16.89 -5.45 13.84
C HIS A 186 18.40 -5.34 13.85
N LEU A 187 19.05 -5.93 14.86
CA LEU A 187 20.49 -5.88 14.99
C LEU A 187 21.19 -6.57 13.80
N LYS A 188 20.61 -7.62 13.21
CA LYS A 188 21.22 -8.24 12.04
C LYS A 188 20.86 -7.54 10.75
N MET A 189 19.88 -6.62 10.68
CA MET A 189 19.51 -6.03 9.38
C MET A 189 19.85 -4.58 9.22
N TRP A 190 19.85 -3.87 10.32
CA TRP A 190 20.18 -2.48 10.31
C TRP A 190 21.59 -2.21 9.80
N PRO A 191 22.71 -2.86 10.19
CA PRO A 191 24.03 -2.54 9.64
C PRO A 191 24.09 -2.78 8.12
N ASP A 192 23.37 -3.80 7.62
CA ASP A 192 23.27 -4.05 6.19
C ASP A 192 22.56 -2.92 5.49
N LEU A 193 21.48 -2.43 6.07
CA LEU A 193 20.75 -1.36 5.42
C LEU A 193 21.58 -0.11 5.26
N GLN A 194 22.52 0.07 6.18
CA GLN A 194 23.40 1.22 6.17
C GLN A 194 24.37 1.17 5.01
N LYS A 195 24.75 -0.04 4.58
CA LYS A 195 25.66 -0.25 3.47
C LYS A 195 25.28 0.44 2.16
N HIS A 196 24.02 0.80 1.94
CA HIS A 196 23.65 1.39 0.67
C HIS A 196 22.69 2.53 0.88
N LYS A 197 23.21 3.74 0.68
CA LYS A 197 22.46 4.99 0.83
C LYS A 197 21.19 5.03 0.00
N GLY A 198 21.06 4.19 -1.02
CA GLY A 198 19.84 4.14 -1.82
C GLY A 198 18.78 3.57 -0.93
N PRO A 199 18.85 2.28 -0.62
CA PRO A 199 17.87 1.64 0.25
C PRO A 199 17.74 2.30 1.61
N LEU A 200 18.78 2.89 2.17
CA LEU A 200 18.66 3.59 3.42
C LEU A 200 17.83 4.87 3.30
N ASN A 201 17.87 5.62 2.19
CA ASN A 201 17.08 6.84 2.04
C ASN A 201 15.61 6.49 1.97
N VAL A 202 15.26 5.49 1.16
CA VAL A 202 13.89 5.03 1.02
C VAL A 202 13.36 4.48 2.36
N PHE A 203 14.07 3.66 3.12
CA PHE A 203 13.59 3.18 4.42
C PHE A 203 13.43 4.34 5.38
N GLU A 204 14.42 5.17 5.52
CA GLU A 204 14.35 6.24 6.46
C GLU A 204 13.40 7.36 6.17
N ASN A 205 13.34 7.80 4.92
CA ASN A 205 12.53 8.96 4.58
C ASN A 205 11.27 8.68 3.80
N ILE A 206 11.02 7.43 3.45
CA ILE A 206 9.82 7.08 2.75
C ILE A 206 9.09 5.98 3.49
N GLU A 207 9.66 4.81 3.68
CA GLU A 207 8.99 3.74 4.37
C GLU A 207 8.59 3.98 5.81
N MET A 208 9.55 4.38 6.62
CA MET A 208 9.34 4.56 8.04
C MET A 208 8.37 5.67 8.36
N PRO A 209 8.48 6.93 7.87
CA PRO A 209 7.48 7.97 8.20
C PRO A 209 6.01 7.64 7.84
N LEU A 210 5.80 6.73 6.89
CA LEU A 210 4.49 6.35 6.46
C LEU A 210 3.83 5.40 7.41
N VAL A 211 4.51 4.71 8.33
CA VAL A 211 3.86 3.76 9.22
C VAL A 211 2.72 4.44 10.00
N PRO A 212 2.87 5.58 10.67
CA PRO A 212 1.75 6.17 11.35
C PRO A 212 0.74 6.78 10.36
N VAL A 213 1.06 7.10 9.10
CA VAL A 213 -0.01 7.72 8.32
C VAL A 213 -0.87 6.60 7.75
N LEU A 214 -0.32 5.43 7.38
CA LEU A 214 -1.20 4.34 6.96
C LEU A 214 -2.16 3.96 8.10
N SER A 215 -1.71 4.00 9.34
CA SER A 215 -2.51 3.72 10.51
C SER A 215 -3.66 4.72 10.59
N ARG A 216 -3.36 5.99 10.31
CA ARG A 216 -4.40 7.01 10.33
C ARG A 216 -5.32 6.84 9.14
N ILE A 217 -4.85 6.42 7.95
CA ILE A 217 -5.70 6.19 6.79
C ILE A 217 -6.67 5.08 7.16
N GLU A 218 -6.13 3.96 7.65
CA GLU A 218 -6.93 2.78 7.93
C GLU A 218 -7.95 2.97 9.04
N ARG A 219 -7.60 3.68 10.10
CA ARG A 219 -8.55 3.89 11.17
C ARG A 219 -9.62 4.91 10.80
N ASN A 220 -9.38 5.83 9.86
CA ASN A 220 -10.43 6.77 9.48
C ASN A 220 -11.54 6.03 8.78
N GLY A 221 -11.19 5.05 7.94
CA GLY A 221 -12.19 4.28 7.22
C GLY A 221 -12.83 5.10 6.12
N VAL A 222 -13.71 4.48 5.34
CA VAL A 222 -14.41 5.15 4.27
C VAL A 222 -15.87 4.93 4.57
N LYS A 223 -16.67 5.99 4.43
CA LYS A 223 -18.10 5.95 4.65
C LYS A 223 -18.81 5.44 3.39
N ILE A 224 -19.60 4.38 3.52
CA ILE A 224 -20.28 3.74 2.42
C ILE A 224 -21.78 3.73 2.64
N ASP A 225 -22.58 4.01 1.58
CA ASP A 225 -24.03 3.94 1.64
C ASP A 225 -24.39 2.53 1.23
N PRO A 226 -24.82 1.61 2.11
CA PRO A 226 -25.17 0.25 1.74
C PRO A 226 -26.50 0.15 1.00
N LYS A 227 -27.37 1.16 1.08
CA LYS A 227 -28.65 1.16 0.41
C LYS A 227 -28.41 1.18 -1.08
N VAL A 228 -27.50 2.07 -1.48
CA VAL A 228 -27.13 2.19 -2.87
C VAL A 228 -26.67 0.86 -3.37
N LEU A 229 -25.75 0.25 -2.64
CA LEU A 229 -25.20 -1.04 -2.99
C LEU A 229 -26.27 -2.11 -2.98
N HIS A 230 -27.29 -2.04 -2.12
CA HIS A 230 -28.37 -3.02 -2.13
C HIS A 230 -29.22 -2.82 -3.38
N ASN A 231 -29.56 -1.58 -3.76
CA ASN A 231 -30.34 -1.34 -4.97
C ASN A 231 -29.59 -1.86 -6.16
N HIS A 232 -28.28 -1.57 -6.19
CA HIS A 232 -27.45 -1.99 -7.29
C HIS A 232 -27.43 -3.51 -7.35
N SER A 233 -27.46 -4.21 -6.22
CA SER A 233 -27.47 -5.67 -6.25
C SER A 233 -28.78 -6.21 -6.79
N GLU A 234 -29.91 -5.59 -6.43
CA GLU A 234 -31.24 -5.96 -6.90
C GLU A 234 -31.31 -5.79 -8.41
N GLU A 235 -30.92 -4.62 -8.93
CA GLU A 235 -30.89 -4.37 -10.36
C GLU A 235 -30.02 -5.39 -11.09
N LEU A 236 -28.78 -5.65 -10.64
CA LEU A 236 -27.92 -6.61 -11.32
C LEU A 236 -28.51 -8.01 -11.36
N THR A 237 -29.27 -8.40 -10.34
CA THR A 237 -29.97 -9.69 -10.30
C THR A 237 -30.91 -9.78 -11.49
N LEU A 238 -31.72 -8.73 -11.67
CA LEU A 238 -32.69 -8.61 -12.76
C LEU A 238 -32.00 -8.52 -14.14
N ARG A 239 -30.92 -7.73 -14.28
CA ARG A 239 -30.18 -7.58 -15.53
C ARG A 239 -29.51 -8.88 -15.94
N LEU A 240 -29.07 -9.69 -14.97
CA LEU A 240 -28.46 -10.95 -15.33
C LEU A 240 -29.52 -11.92 -15.81
N ALA A 241 -30.73 -11.79 -15.26
CA ALA A 241 -31.87 -12.59 -15.70
C ALA A 241 -32.19 -12.22 -17.16
N GLU A 242 -32.39 -10.93 -17.41
CA GLU A 242 -32.68 -10.46 -18.75
C GLU A 242 -31.62 -10.83 -19.78
N LEU A 243 -30.34 -10.70 -19.44
CA LEU A 243 -29.27 -11.02 -20.37
C LEU A 243 -29.23 -12.49 -20.70
N GLU A 244 -29.61 -13.33 -19.74
CA GLU A 244 -29.67 -14.77 -19.94
C GLU A 244 -30.80 -15.03 -20.92
N LYS A 245 -31.94 -14.37 -20.70
CA LYS A 245 -33.09 -14.48 -21.60
C LYS A 245 -32.74 -13.98 -22.99
N LYS A 246 -31.98 -12.90 -23.14
CA LYS A 246 -31.59 -12.41 -24.44
C LYS A 246 -30.82 -13.44 -25.23
N ALA A 247 -29.83 -14.10 -24.63
CA ALA A 247 -29.05 -15.12 -25.34
C ALA A 247 -29.85 -16.38 -25.64
N HIS A 248 -30.88 -16.67 -24.84
CA HIS A 248 -31.74 -17.84 -25.10
C HIS A 248 -32.67 -17.56 -26.27
N GLU A 249 -33.07 -16.30 -26.46
CA GLU A 249 -33.89 -15.91 -27.60
C GLU A 249 -33.00 -16.13 -28.82
N ILE A 250 -31.70 -15.85 -28.69
CA ILE A 250 -30.78 -16.04 -29.78
C ILE A 250 -30.24 -17.49 -29.72
N ALA A 251 -31.13 -18.49 -29.78
CA ALA A 251 -30.85 -19.94 -29.81
C ALA A 251 -31.95 -20.78 -29.15
N ASP A 297 -19.56 -7.20 -34.05
CA ASP A 297 -20.75 -7.11 -34.86
C ASP A 297 -21.67 -8.32 -34.70
N TYR A 298 -21.51 -9.13 -33.63
CA TYR A 298 -22.35 -10.30 -33.44
C TYR A 298 -23.03 -10.20 -32.07
N PRO A 299 -24.37 -10.08 -32.02
CA PRO A 299 -25.17 -9.96 -30.79
C PRO A 299 -25.01 -10.99 -29.65
N LEU A 300 -24.87 -12.29 -29.95
CA LEU A 300 -24.73 -13.27 -28.89
C LEU A 300 -23.38 -13.08 -28.20
N PRO A 301 -22.24 -12.86 -28.88
CA PRO A 301 -20.96 -12.64 -28.21
C PRO A 301 -20.85 -11.18 -27.73
N LYS A 302 -21.95 -10.63 -27.22
CA LYS A 302 -22.04 -9.26 -26.73
C LYS A 302 -22.73 -9.44 -25.42
N VAL A 303 -23.94 -10.03 -25.44
CA VAL A 303 -24.70 -10.23 -24.23
C VAL A 303 -24.02 -11.20 -23.26
N ILE A 304 -23.29 -12.21 -23.75
CA ILE A 304 -22.62 -13.14 -22.85
C ILE A 304 -21.50 -12.44 -22.09
N LEU A 305 -20.76 -11.60 -22.79
CA LEU A 305 -19.65 -10.88 -22.21
C LEU A 305 -20.15 -9.97 -21.12
N GLU A 306 -21.22 -9.26 -21.44
CA GLU A 306 -21.88 -8.36 -20.52
C GLU A 306 -22.34 -9.11 -19.29
N TYR A 307 -22.86 -10.33 -19.47
CA TYR A 307 -23.32 -11.17 -18.37
C TYR A 307 -22.14 -11.39 -17.45
N ARG A 308 -21.06 -11.96 -17.99
CA ARG A 308 -19.87 -12.30 -17.22
C ARG A 308 -19.36 -11.14 -16.40
N GLY A 309 -19.31 -9.98 -17.03
CA GLY A 309 -18.84 -8.79 -16.36
C GLY A 309 -19.70 -8.37 -15.18
N LEU A 310 -21.03 -8.29 -15.34
CA LEU A 310 -21.87 -7.86 -14.23
C LEU A 310 -21.93 -8.91 -13.14
N ALA A 311 -21.85 -10.17 -13.56
CA ALA A 311 -21.94 -11.32 -12.68
C ALA A 311 -20.85 -11.30 -11.63
N LYS A 312 -19.66 -11.03 -12.14
CA LYS A 312 -18.49 -10.97 -11.30
C LYS A 312 -18.59 -9.75 -10.39
N LEU A 313 -18.83 -8.57 -10.96
CA LEU A 313 -18.92 -7.33 -10.22
C LEU A 313 -19.90 -7.38 -9.06
N LYS A 314 -21.03 -8.03 -9.25
CA LYS A 314 -22.03 -8.16 -8.22
C LYS A 314 -21.47 -8.89 -7.01
N SER A 315 -20.79 -10.00 -7.23
CA SER A 315 -20.27 -10.77 -6.11
C SER A 315 -19.02 -10.14 -5.55
N THR A 316 -18.04 -9.77 -6.37
CA THR A 316 -16.83 -9.19 -5.87
C THR A 316 -17.07 -7.84 -5.20
N TYR A 317 -18.14 -7.09 -5.50
CA TYR A 317 -18.31 -5.81 -4.84
C TYR A 317 -19.66 -5.55 -4.23
N THR A 318 -20.73 -5.72 -4.98
CA THR A 318 -22.03 -5.33 -4.47
C THR A 318 -22.53 -6.15 -3.30
N ASP A 319 -22.16 -7.42 -3.25
CA ASP A 319 -22.59 -8.27 -2.15
C ASP A 319 -21.69 -8.25 -0.94
N LYS A 320 -20.39 -8.02 -1.13
CA LYS A 320 -19.45 -8.01 -0.02
C LYS A 320 -19.27 -6.66 0.66
N LEU A 321 -19.10 -5.57 -0.11
CA LEU A 321 -18.84 -4.25 0.46
C LEU A 321 -19.77 -3.84 1.61
N PRO A 322 -21.12 -3.95 1.56
CA PRO A 322 -22.00 -3.57 2.67
C PRO A 322 -21.87 -4.53 3.87
N LEU A 323 -21.23 -5.68 3.70
CA LEU A 323 -21.02 -6.60 4.78
C LEU A 323 -19.68 -6.31 5.45
N MET A 324 -18.96 -5.25 5.02
CA MET A 324 -17.66 -4.91 5.58
C MET A 324 -17.70 -3.67 6.45
N ILE A 325 -18.87 -3.24 6.91
CA ILE A 325 -18.97 -2.07 7.76
C ILE A 325 -18.64 -2.44 9.19
N ASN A 326 -17.76 -1.67 9.85
CA ASN A 326 -17.41 -1.90 11.25
C ASN A 326 -18.55 -1.39 12.13
N PRO A 327 -19.09 -2.12 13.10
CA PRO A 327 -20.19 -1.65 13.94
C PRO A 327 -19.79 -0.55 14.89
N LYS A 328 -18.51 -0.39 15.24
CA LYS A 328 -18.16 0.66 16.16
C LYS A 328 -18.03 2.03 15.52
N THR A 329 -17.60 2.09 14.28
CA THR A 329 -17.38 3.34 13.56
C THR A 329 -18.40 3.58 12.45
N GLY A 330 -19.00 2.49 11.96
CA GLY A 330 -19.99 2.58 10.90
C GLY A 330 -19.31 2.83 9.59
N ARG A 331 -18.03 2.47 9.47
CA ARG A 331 -17.33 2.71 8.23
C ARG A 331 -16.61 1.47 7.83
N VAL A 332 -16.10 1.46 6.62
CA VAL A 332 -15.35 0.34 6.12
C VAL A 332 -13.87 0.77 6.23
N HIS A 333 -13.03 0.02 6.96
CA HIS A 333 -11.62 0.30 7.13
C HIS A 333 -10.86 -0.71 6.28
N THR A 334 -10.16 -0.25 5.25
CA THR A 334 -9.46 -1.18 4.38
C THR A 334 -8.05 -1.38 4.84
N SER A 335 -7.44 -2.52 4.48
CA SER A 335 -6.09 -2.90 4.88
C SER A 335 -5.06 -2.61 3.82
N TYR A 336 -4.24 -1.61 4.03
CA TYR A 336 -3.13 -1.30 3.15
C TYR A 336 -1.98 -2.19 3.57
N HIS A 337 -1.44 -2.98 2.66
CA HIS A 337 -0.27 -3.83 2.89
C HIS A 337 0.93 -3.10 2.37
N GLN A 338 1.88 -2.80 3.26
CA GLN A 338 3.06 -2.00 2.92
C GLN A 338 4.26 -2.74 2.43
N ALA A 339 4.32 -4.04 2.62
CA ALA A 339 5.52 -4.77 2.24
C ALA A 339 5.17 -6.05 1.51
N VAL A 340 4.43 -5.86 0.42
CA VAL A 340 3.94 -6.98 -0.35
C VAL A 340 4.34 -6.86 -1.80
N THR A 341 4.20 -5.71 -2.46
CA THR A 341 4.56 -5.67 -3.86
C THR A 341 6.06 -5.61 -4.04
N ALA A 342 6.48 -6.13 -5.20
CA ALA A 342 7.86 -6.11 -5.60
C ALA A 342 8.30 -4.70 -5.94
N THR A 343 7.39 -3.83 -6.39
CA THR A 343 7.75 -2.47 -6.78
C THR A 343 7.68 -1.38 -5.71
N GLY A 344 7.11 -1.65 -4.53
CA GLY A 344 7.00 -0.58 -3.55
C GLY A 344 5.67 0.14 -3.60
N ARG A 345 4.72 -0.37 -4.38
CA ARG A 345 3.39 0.23 -4.39
C ARG A 345 2.63 -0.37 -3.21
N LEU A 346 1.73 0.42 -2.63
CA LEU A 346 0.92 -0.07 -1.52
C LEU A 346 -0.18 -0.95 -2.12
N SER A 347 -0.49 -2.12 -1.59
CA SER A 347 -1.59 -2.89 -2.15
C SER A 347 -2.67 -2.89 -1.07
N SER A 348 -3.96 -2.85 -1.36
CA SER A 348 -4.98 -2.88 -0.29
C SER A 348 -5.80 -4.15 -0.39
N THR A 349 -6.25 -4.77 0.70
CA THR A 349 -7.08 -5.95 0.59
C THR A 349 -8.33 -5.71 1.38
N ASP A 350 -9.18 -6.76 1.34
CA ASP A 350 -10.51 -6.77 1.90
C ASP A 350 -11.06 -5.69 1.03
N PRO A 351 -11.35 -4.43 1.30
CA PRO A 351 -11.84 -3.63 0.20
C PRO A 351 -10.62 -3.36 -0.71
N ASN A 352 -10.34 -4.24 -1.69
CA ASN A 352 -9.26 -4.02 -2.64
C ASN A 352 -9.77 -2.96 -3.59
N LEU A 353 -9.70 -1.70 -3.18
CA LEU A 353 -10.19 -0.59 -3.96
C LEU A 353 -9.63 -0.54 -5.37
N GLN A 354 -8.48 -1.15 -5.58
CA GLN A 354 -7.85 -1.10 -6.89
C GLN A 354 -8.54 -1.93 -7.94
N ASN A 355 -9.26 -2.97 -7.53
CA ASN A 355 -9.91 -3.79 -8.54
C ASN A 355 -11.30 -3.28 -8.93
N ILE A 356 -11.86 -2.20 -8.34
CA ILE A 356 -13.18 -1.79 -8.80
C ILE A 356 -12.92 -1.11 -10.15
N PRO A 357 -13.75 -1.39 -11.15
CA PRO A 357 -13.65 -0.85 -12.50
C PRO A 357 -13.68 0.65 -12.64
N VAL A 358 -12.50 1.19 -12.91
CA VAL A 358 -12.27 2.62 -13.15
C VAL A 358 -13.09 3.17 -14.33
N ARG A 359 -13.02 2.55 -15.50
CA ARG A 359 -13.78 3.01 -16.63
C ARG A 359 -14.70 1.85 -16.99
N ASN A 360 -15.94 2.00 -16.50
CA ASN A 360 -17.05 1.08 -16.68
C ASN A 360 -18.24 1.84 -16.12
N GLU A 361 -19.44 1.75 -16.69
CA GLU A 361 -20.53 2.50 -16.09
C GLU A 361 -20.89 1.88 -14.75
N GLU A 362 -20.90 0.55 -14.64
CA GLU A 362 -21.21 -0.07 -13.36
C GLU A 362 -20.10 0.11 -12.33
N GLY A 363 -18.89 0.42 -12.77
CA GLY A 363 -17.80 0.68 -11.86
C GLY A 363 -18.09 2.04 -11.24
N ARG A 364 -18.50 3.01 -12.06
CA ARG A 364 -18.86 4.33 -11.59
C ARG A 364 -19.93 4.22 -10.52
N ARG A 365 -20.91 3.35 -10.75
CA ARG A 365 -22.02 3.10 -9.84
C ARG A 365 -21.53 2.69 -8.46
N ILE A 366 -20.52 1.82 -8.41
CA ILE A 366 -19.92 1.41 -7.15
C ILE A 366 -19.21 2.61 -6.56
N ARG A 367 -18.47 3.40 -7.35
CA ARG A 367 -17.80 4.56 -6.80
C ARG A 367 -18.76 5.60 -6.21
N GLN A 368 -20.06 5.54 -6.51
CA GLN A 368 -21.04 6.45 -5.94
C GLN A 368 -21.47 6.05 -4.53
N ALA A 369 -21.22 4.81 -4.11
CA ALA A 369 -21.56 4.37 -2.75
C ALA A 369 -20.54 4.87 -1.72
N PHE A 370 -19.41 5.45 -2.11
CA PHE A 370 -18.43 5.96 -1.16
C PHE A 370 -18.82 7.41 -1.08
N ILE A 371 -19.42 7.66 0.05
CA ILE A 371 -20.10 8.88 0.43
C ILE A 371 -19.41 9.79 1.41
N ALA A 372 -19.53 11.09 1.21
CA ALA A 372 -18.95 12.03 2.15
C ALA A 372 -19.94 12.31 3.27
N PRO A 373 -19.57 12.38 4.54
CA PRO A 373 -20.52 12.68 5.61
C PRO A 373 -21.20 14.06 5.46
N GLU A 374 -22.19 14.37 6.30
CA GLU A 374 -22.93 15.63 6.18
C GLU A 374 -22.02 16.82 6.34
N ASP A 375 -22.17 17.73 5.40
CA ASP A 375 -21.43 18.97 5.32
C ASP A 375 -20.00 18.80 4.90
N TYR A 376 -19.61 17.60 4.46
CA TYR A 376 -18.26 17.37 3.98
C TYR A 376 -18.41 16.92 2.55
N VAL A 377 -17.36 16.93 1.75
CA VAL A 377 -17.41 16.47 0.37
C VAL A 377 -16.18 15.58 0.16
N ILE A 378 -16.23 14.69 -0.81
CA ILE A 378 -15.10 13.83 -1.17
C ILE A 378 -14.17 14.64 -2.06
N VAL A 379 -12.94 14.74 -1.84
CA VAL A 379 -12.00 15.43 -2.71
C VAL A 379 -11.05 14.38 -3.27
N SER A 380 -10.74 14.42 -4.56
CA SER A 380 -9.87 13.44 -5.18
C SER A 380 -8.73 14.17 -5.84
N ALA A 381 -7.53 13.85 -5.38
CA ALA A 381 -6.33 14.44 -5.92
C ALA A 381 -5.60 13.32 -6.63
N ASP A 382 -5.56 13.40 -7.95
CA ASP A 382 -4.96 12.37 -8.75
C ASP A 382 -3.75 12.89 -9.49
N TYR A 383 -2.73 12.04 -9.66
CA TYR A 383 -1.52 12.39 -10.40
C TYR A 383 -1.82 11.96 -11.82
N SER A 384 -1.81 12.90 -12.79
CA SER A 384 -2.11 12.60 -14.19
C SER A 384 -1.31 11.51 -14.85
N GLN A 385 -0.61 11.58 -15.98
CA GLN A 385 -0.08 10.30 -16.44
C GLN A 385 1.31 10.12 -15.88
N ILE A 386 1.36 9.94 -14.56
CA ILE A 386 2.58 9.88 -13.80
C ILE A 386 3.64 8.93 -14.33
N GLU A 387 3.38 7.70 -14.74
CA GLU A 387 4.46 6.87 -15.19
C GLU A 387 4.89 7.28 -16.58
N LEU A 388 4.04 7.93 -17.37
CA LEU A 388 4.42 8.39 -18.70
C LEU A 388 5.28 9.64 -18.52
N ARG A 389 5.10 10.55 -17.44
CA ARG A 389 5.93 11.72 -17.15
C ARG A 389 7.29 11.29 -16.58
N ILE A 390 7.29 10.25 -15.74
CA ILE A 390 8.51 9.67 -15.19
C ILE A 390 9.33 9.09 -16.33
N MET A 391 8.69 8.36 -17.26
CA MET A 391 9.36 7.79 -18.41
C MET A 391 9.88 8.90 -19.29
N ALA A 392 9.23 10.05 -19.37
CA ALA A 392 9.72 11.16 -20.17
C ALA A 392 11.05 11.63 -19.61
N HIS A 393 11.20 11.70 -18.29
CA HIS A 393 12.45 12.10 -17.66
C HIS A 393 13.50 10.98 -17.69
N LEU A 394 13.11 9.74 -17.46
CA LEU A 394 14.01 8.61 -17.48
C LEU A 394 14.57 8.44 -18.87
N SER A 395 13.75 8.65 -19.91
CA SER A 395 14.19 8.51 -21.29
C SER A 395 15.00 9.73 -21.73
N ARG A 396 14.88 10.80 -20.94
CA ARG A 396 15.55 12.08 -21.12
C ARG A 396 15.19 12.66 -22.48
N ASP A 397 14.04 12.27 -23.07
CA ASP A 397 13.64 12.68 -24.40
C ASP A 397 12.94 14.00 -24.45
N LYS A 398 13.55 14.95 -25.13
CA LYS A 398 13.03 16.29 -25.28
C LYS A 398 11.67 16.31 -25.93
N GLY A 399 11.35 15.40 -26.84
CA GLY A 399 10.04 15.40 -27.47
C GLY A 399 8.94 15.18 -26.45
N LEU A 400 9.07 14.12 -25.62
CA LEU A 400 8.09 13.78 -24.59
C LEU A 400 8.05 14.86 -23.54
N LEU A 401 9.21 15.32 -23.11
CA LEU A 401 9.35 16.35 -22.12
C LEU A 401 8.66 17.62 -22.53
N THR A 402 8.69 17.96 -23.83
CA THR A 402 8.07 19.17 -24.40
C THR A 402 6.55 19.06 -24.46
N ALA A 403 6.03 17.90 -24.89
CA ALA A 403 4.59 17.66 -24.95
C ALA A 403 3.98 18.00 -23.62
N PHE A 404 4.55 17.40 -22.59
CA PHE A 404 4.10 17.65 -21.23
C PHE A 404 4.29 19.11 -20.86
N ALA A 405 5.44 19.73 -21.17
CA ALA A 405 5.72 21.11 -20.81
C ALA A 405 4.78 22.11 -21.43
N GLU A 406 4.34 21.89 -22.67
CA GLU A 406 3.44 22.86 -23.29
C GLU A 406 1.96 22.49 -23.21
N GLY A 407 1.62 21.69 -22.21
CA GLY A 407 0.24 21.29 -21.94
C GLY A 407 -0.44 20.46 -23.00
N LYS A 408 0.25 19.62 -23.74
CA LYS A 408 -0.44 18.89 -24.78
C LYS A 408 -0.88 17.53 -24.28
N ASP A 409 -1.90 16.99 -24.94
CA ASP A 409 -2.37 15.65 -24.62
C ASP A 409 -1.28 14.77 -25.21
N ILE A 410 -0.53 14.09 -24.37
CA ILE A 410 0.55 13.27 -24.90
C ILE A 410 0.15 12.28 -25.94
N HIS A 411 -1.02 11.63 -25.88
CA HIS A 411 -1.31 10.62 -26.90
C HIS A 411 -1.53 11.21 -28.29
N ARG A 412 -2.06 12.44 -28.33
CA ARG A 412 -2.26 13.11 -29.59
C ARG A 412 -0.89 13.56 -30.08
N ALA A 413 -0.03 14.16 -29.23
CA ALA A 413 1.31 14.60 -29.63
C ALA A 413 2.18 13.46 -30.13
N THR A 414 2.09 12.32 -29.45
CA THR A 414 2.80 11.11 -29.81
C THR A 414 2.31 10.69 -31.17
N ALA A 415 0.99 10.64 -31.37
CA ALA A 415 0.41 10.24 -32.64
C ALA A 415 0.75 11.28 -33.73
N ALA A 416 0.81 12.57 -33.40
CA ALA A 416 1.11 13.59 -34.38
C ALA A 416 2.54 13.44 -34.83
N GLU A 417 3.45 13.14 -33.91
CA GLU A 417 4.87 13.01 -34.25
C GLU A 417 5.18 11.70 -34.94
N VAL A 418 4.66 10.58 -34.44
CA VAL A 418 4.93 9.30 -35.06
C VAL A 418 4.38 9.24 -36.48
N PHE A 419 3.11 9.65 -36.65
CA PHE A 419 2.43 9.64 -37.95
C PHE A 419 2.71 10.89 -38.78
N GLY A 420 3.36 11.91 -38.24
CA GLY A 420 3.71 13.10 -39.00
C GLY A 420 2.51 13.86 -39.53
N LEU A 421 1.61 14.30 -38.65
CA LEU A 421 0.44 15.03 -39.07
C LEU A 421 0.27 16.16 -38.07
N PRO A 422 -0.34 17.31 -38.43
CA PRO A 422 -0.53 18.40 -37.49
C PRO A 422 -1.32 17.95 -36.27
N LEU A 423 -1.06 18.53 -35.11
CA LEU A 423 -1.74 18.12 -33.89
C LEU A 423 -3.26 18.25 -33.92
N GLU A 424 -3.81 19.18 -34.70
CA GLU A 424 -5.25 19.39 -34.69
C GLU A 424 -6.00 18.42 -35.59
N THR A 425 -5.36 17.60 -36.44
CA THR A 425 -6.12 16.72 -37.32
C THR A 425 -5.90 15.25 -36.97
N VAL A 426 -5.37 14.99 -35.79
CA VAL A 426 -5.10 13.63 -35.40
C VAL A 426 -6.43 13.00 -34.99
N THR A 427 -6.79 11.99 -35.78
CA THR A 427 -8.03 11.24 -35.64
C THR A 427 -8.02 10.31 -34.45
N SER A 428 -9.18 9.92 -33.97
CA SER A 428 -9.27 9.05 -32.81
C SER A 428 -8.66 7.69 -32.98
N GLU A 429 -8.53 7.22 -34.20
CA GLU A 429 -7.89 5.95 -34.41
C GLU A 429 -6.40 6.08 -34.18
N GLN A 430 -5.85 7.26 -34.47
CA GLN A 430 -4.44 7.50 -34.31
C GLN A 430 -4.09 7.73 -32.86
N ARG A 431 -4.92 8.51 -32.16
CA ARG A 431 -4.75 8.77 -30.72
C ARG A 431 -4.74 7.47 -29.92
N ARG A 432 -5.56 6.54 -30.38
CA ARG A 432 -5.74 5.25 -29.80
C ARG A 432 -4.57 4.35 -30.12
N SER A 433 -4.04 4.41 -31.34
CA SER A 433 -2.88 3.61 -31.69
C SER A 433 -1.68 4.10 -30.87
N ALA A 434 -1.47 5.40 -30.77
CA ALA A 434 -0.38 5.97 -29.99
C ALA A 434 -0.50 5.58 -28.52
N LYS A 435 -1.72 5.58 -27.97
CA LYS A 435 -1.97 5.21 -26.57
C LYS A 435 -1.50 3.79 -26.35
N ALA A 436 -1.80 2.90 -27.29
CA ALA A 436 -1.38 1.51 -27.24
C ALA A 436 0.14 1.39 -27.28
N ILE A 437 0.88 2.29 -27.94
CA ILE A 437 2.34 2.23 -27.94
C ILE A 437 2.80 2.68 -26.56
N ASN A 438 2.38 3.86 -26.10
CA ASN A 438 2.73 4.44 -24.82
C ASN A 438 2.50 3.57 -23.58
N PHE A 439 1.34 2.93 -23.43
CA PHE A 439 1.12 2.08 -22.29
C PHE A 439 1.82 0.75 -22.45
N GLY A 440 2.27 0.43 -23.66
CA GLY A 440 2.99 -0.79 -23.90
C GLY A 440 4.40 -0.59 -23.38
N LEU A 441 4.96 0.57 -23.69
CA LEU A 441 6.29 0.96 -23.25
C LEU A 441 6.39 0.92 -21.75
N ILE A 442 5.37 1.41 -21.04
CA ILE A 442 5.36 1.40 -19.59
C ILE A 442 5.46 -0.03 -19.08
N TYR A 443 4.78 -0.99 -19.71
CA TYR A 443 4.83 -2.37 -19.24
C TYR A 443 5.91 -3.18 -19.94
N GLY A 444 6.80 -2.52 -20.69
CA GLY A 444 7.88 -3.14 -21.45
C GLY A 444 7.44 -4.13 -22.53
N MET A 445 6.12 -4.15 -22.74
CA MET A 445 5.38 -5.05 -23.61
C MET A 445 6.02 -5.36 -24.95
N SER A 446 6.26 -6.66 -25.07
CA SER A 446 6.91 -7.28 -26.21
C SER A 446 6.22 -7.06 -27.54
N ALA A 447 6.68 -6.08 -28.35
CA ALA A 447 6.21 -5.71 -29.71
C ALA A 447 4.95 -6.33 -30.31
N PHE A 448 4.74 -7.66 -30.30
CA PHE A 448 3.50 -8.24 -30.82
C PHE A 448 2.35 -7.92 -29.87
N GLY A 449 2.69 -7.48 -28.65
CA GLY A 449 1.77 -7.07 -27.61
C GLY A 449 0.93 -5.93 -28.16
N LEU A 450 1.54 -5.07 -28.99
CA LEU A 450 0.81 -4.00 -29.62
C LEU A 450 -0.22 -4.64 -30.54
N ALA A 451 0.16 -5.69 -31.29
CA ALA A 451 -0.77 -6.36 -32.20
C ALA A 451 -1.88 -7.09 -31.45
N ARG A 452 -1.73 -7.38 -30.15
CA ARG A 452 -2.81 -8.02 -29.40
C ARG A 452 -3.68 -7.01 -28.67
N GLN A 453 -3.13 -5.84 -28.28
CA GLN A 453 -3.93 -4.81 -27.64
C GLN A 453 -4.71 -4.15 -28.73
N LEU A 454 -3.98 -3.71 -29.73
CA LEU A 454 -4.50 -3.08 -30.92
C LEU A 454 -4.63 -4.33 -31.79
N ASN A 455 -5.61 -5.16 -31.46
CA ASN A 455 -5.90 -6.44 -32.10
C ASN A 455 -6.23 -6.34 -33.59
N ILE A 456 -5.28 -5.90 -34.42
CA ILE A 456 -5.53 -5.73 -35.85
C ILE A 456 -4.29 -5.74 -36.78
N PRO A 457 -3.07 -5.25 -36.49
CA PRO A 457 -1.97 -5.30 -37.44
C PRO A 457 -1.07 -6.51 -37.21
N ARG A 458 0.00 -6.52 -37.98
CA ARG A 458 1.04 -7.51 -37.85
C ARG A 458 2.34 -6.72 -37.81
N LYS A 459 3.29 -6.88 -38.74
CA LYS A 459 4.52 -6.09 -38.71
C LYS A 459 4.30 -4.58 -38.97
N GLU A 460 3.05 -4.16 -39.16
CA GLU A 460 2.70 -2.75 -39.27
C GLU A 460 2.90 -2.15 -37.88
N ALA A 461 2.68 -2.95 -36.82
CA ALA A 461 2.89 -2.54 -35.43
C ALA A 461 4.37 -2.34 -35.13
N GLN A 462 5.22 -3.18 -35.75
CA GLN A 462 6.66 -3.08 -35.64
C GLN A 462 7.06 -1.80 -36.36
N LYS A 463 6.39 -1.48 -37.48
CA LYS A 463 6.66 -0.24 -38.18
C LYS A 463 6.35 0.91 -37.22
N TYR A 464 5.26 0.81 -36.46
CA TYR A 464 4.90 1.82 -35.48
C TYR A 464 5.94 1.96 -34.38
N MET A 465 6.42 0.82 -33.85
CA MET A 465 7.43 0.78 -32.81
C MET A 465 8.71 1.48 -33.22
N ASP A 466 9.27 1.13 -34.37
CA ASP A 466 10.52 1.73 -34.83
C ASP A 466 10.37 3.20 -35.19
N LEU A 467 9.21 3.59 -35.73
CA LEU A 467 8.89 4.99 -36.05
C LEU A 467 8.86 5.83 -34.79
N TYR A 468 8.31 5.23 -33.71
CA TYR A 468 8.26 5.88 -32.42
C TYR A 468 9.71 6.12 -31.96
N PHE A 469 10.56 5.10 -31.97
CA PHE A 469 11.95 5.25 -31.55
C PHE A 469 12.77 6.18 -32.42
N GLU A 470 12.32 6.38 -33.65
CA GLU A 470 12.97 7.28 -34.59
C GLU A 470 12.62 8.73 -34.23
N ARG A 471 11.51 8.92 -33.52
CA ARG A 471 11.07 10.23 -33.09
C ARG A 471 11.33 10.47 -31.61
N TYR A 472 11.37 9.35 -30.88
CA TYR A 472 11.62 9.35 -29.47
C TYR A 472 12.74 8.31 -29.26
N PRO A 473 14.02 8.60 -29.64
CA PRO A 473 15.15 7.69 -29.48
C PRO A 473 15.48 7.48 -28.01
N GLY A 474 15.31 8.54 -27.21
CA GLY A 474 15.54 8.51 -25.78
C GLY A 474 14.82 7.35 -25.09
N VAL A 475 13.67 6.91 -25.61
CA VAL A 475 12.96 5.80 -24.99
C VAL A 475 13.74 4.52 -25.19
N LEU A 476 14.38 4.25 -26.36
CA LEU A 476 15.13 3.00 -26.39
C LEU A 476 16.49 3.13 -25.77
N GLU A 477 17.14 4.31 -25.70
CA GLU A 477 18.42 4.40 -25.01
C GLU A 477 18.19 4.02 -23.56
N TYR A 478 17.03 4.40 -23.02
CA TYR A 478 16.64 4.03 -21.67
C TYR A 478 16.47 2.53 -21.60
N MET A 479 15.67 1.95 -22.47
CA MET A 479 15.43 0.53 -22.42
C MET A 479 16.68 -0.31 -22.59
N GLU A 480 17.65 0.16 -23.37
CA GLU A 480 18.89 -0.56 -23.56
C GLU A 480 19.69 -0.45 -22.27
N ARG A 481 19.86 0.76 -21.75
CA ARG A 481 20.59 1.06 -20.52
C ARG A 481 20.08 0.26 -19.32
N THR A 482 18.78 0.24 -19.12
CA THR A 482 18.18 -0.46 -17.99
C THR A 482 18.33 -1.96 -18.10
N ARG A 483 18.13 -2.53 -19.28
CA ARG A 483 18.28 -3.97 -19.45
C ARG A 483 19.71 -4.32 -19.12
N ALA A 484 20.61 -3.46 -19.57
CA ALA A 484 22.02 -3.65 -19.36
C ALA A 484 22.38 -3.70 -17.89
N GLN A 485 21.95 -2.72 -17.09
CA GLN A 485 22.33 -2.75 -15.70
C GLN A 485 21.54 -3.80 -14.97
N ALA A 486 20.41 -4.24 -15.49
CA ALA A 486 19.69 -5.30 -14.85
C ALA A 486 20.56 -6.54 -14.95
N LYS A 487 21.19 -6.79 -16.10
CA LYS A 487 22.09 -7.93 -16.24
C LYS A 487 23.46 -7.74 -15.57
N GLU A 488 23.96 -6.50 -15.47
CA GLU A 488 25.24 -6.19 -14.84
C GLU A 488 25.20 -6.17 -13.30
N GLN A 489 24.23 -5.47 -12.69
CA GLN A 489 24.11 -5.35 -11.25
C GLN A 489 23.19 -6.39 -10.64
N GLY A 490 22.20 -6.87 -11.37
CA GLY A 490 21.26 -7.84 -10.82
C GLY A 490 20.01 -7.15 -10.28
N TYR A 491 19.95 -5.82 -10.33
CA TYR A 491 18.83 -5.10 -9.84
C TYR A 491 18.69 -3.78 -10.58
N VAL A 492 17.49 -3.19 -10.56
CA VAL A 492 17.26 -1.87 -11.14
C VAL A 492 16.93 -0.96 -9.96
N GLU A 493 16.95 0.36 -10.12
CA GLU A 493 16.64 1.32 -9.05
C GLU A 493 15.57 2.34 -9.45
N THR A 494 14.83 2.86 -8.50
CA THR A 494 13.86 3.90 -8.79
C THR A 494 14.60 5.22 -8.57
N LEU A 495 14.02 6.39 -8.84
CA LEU A 495 14.75 7.63 -8.64
C LEU A 495 15.21 7.91 -7.24
N ASP A 496 14.57 7.31 -6.23
CA ASP A 496 15.00 7.58 -4.87
C ASP A 496 15.89 6.50 -4.28
N GLY A 497 16.22 5.45 -5.02
CA GLY A 497 17.09 4.45 -4.46
C GLY A 497 16.46 3.11 -4.22
N ARG A 498 15.16 2.99 -4.23
CA ARG A 498 14.50 1.70 -4.03
C ARG A 498 14.96 0.73 -5.14
N ARG A 499 15.26 -0.53 -4.79
CA ARG A 499 15.79 -1.48 -5.74
C ARG A 499 14.89 -2.68 -5.96
N LEU A 500 14.85 -3.17 -7.20
CA LEU A 500 14.12 -4.39 -7.51
C LEU A 500 15.20 -5.31 -7.99
N TYR A 501 15.27 -6.48 -7.37
CA TYR A 501 16.25 -7.49 -7.69
C TYR A 501 15.61 -8.43 -8.69
N LEU A 502 16.27 -8.60 -9.81
CA LEU A 502 15.83 -9.44 -10.90
C LEU A 502 16.76 -10.65 -10.93
N PRO A 503 16.58 -11.68 -10.10
CA PRO A 503 17.44 -12.86 -10.07
C PRO A 503 17.28 -13.83 -11.25
N ASP A 504 16.51 -13.45 -12.27
CA ASP A 504 16.32 -14.28 -13.43
C ASP A 504 16.77 -13.53 -14.68
N ILE A 505 17.34 -12.32 -14.55
CA ILE A 505 17.79 -11.56 -15.71
C ILE A 505 18.89 -12.29 -16.48
N LYS A 506 19.55 -13.19 -15.76
CA LYS A 506 20.65 -13.99 -16.27
C LYS A 506 20.24 -15.46 -16.18
N SER A 507 18.95 -15.74 -16.30
CA SER A 507 18.50 -17.10 -16.25
C SER A 507 18.96 -17.79 -17.52
N SER A 508 19.57 -18.98 -17.36
CA SER A 508 19.98 -19.77 -18.52
C SER A 508 18.66 -20.14 -19.18
N ASN A 509 18.45 -19.36 -20.25
CA ASN A 509 17.31 -19.36 -21.12
C ASN A 509 16.09 -20.13 -20.66
N GLY A 510 15.48 -19.61 -19.61
CA GLY A 510 14.24 -20.19 -19.15
C GLY A 510 13.16 -19.46 -19.96
N ALA A 511 13.36 -19.28 -21.29
CA ALA A 511 12.48 -18.58 -22.24
C ALA A 511 11.75 -17.36 -21.72
N ARG A 512 10.75 -17.54 -20.85
CA ARG A 512 10.05 -16.43 -20.26
C ARG A 512 10.94 -15.76 -19.21
N ARG A 513 12.23 -16.09 -19.19
CA ARG A 513 13.27 -15.39 -18.44
C ARG A 513 13.24 -13.93 -18.89
N ALA A 514 12.77 -13.71 -20.13
CA ALA A 514 12.56 -12.41 -20.69
C ALA A 514 11.62 -11.57 -19.82
N ALA A 515 10.75 -12.19 -19.00
CA ALA A 515 9.86 -11.48 -18.08
C ALA A 515 10.66 -10.59 -17.11
N ALA A 516 11.91 -10.97 -16.77
CA ALA A 516 12.76 -10.17 -15.92
C ALA A 516 13.27 -8.94 -16.66
N GLU A 517 13.41 -9.01 -17.98
CA GLU A 517 13.87 -7.88 -18.79
C GLU A 517 12.77 -6.85 -18.89
N ARG A 518 11.54 -7.34 -18.98
CA ARG A 518 10.32 -6.55 -19.02
C ARG A 518 10.17 -5.87 -17.67
N ALA A 519 10.31 -6.66 -16.60
CA ALA A 519 10.28 -6.20 -15.23
C ALA A 519 11.41 -5.22 -15.00
N ALA A 520 12.53 -5.44 -15.68
CA ALA A 520 13.66 -4.56 -15.61
C ALA A 520 13.24 -3.20 -16.11
N ILE A 521 12.58 -3.11 -17.26
CA ILE A 521 12.18 -1.79 -17.76
C ILE A 521 10.95 -1.22 -17.06
N ASN A 522 10.01 -2.01 -16.55
CA ASN A 522 8.86 -1.44 -15.89
C ASN A 522 9.10 -0.99 -14.44
N ALA A 523 9.87 -1.73 -13.64
CA ALA A 523 10.09 -1.42 -12.23
C ALA A 523 10.58 -0.02 -11.96
N PRO A 524 11.54 0.59 -12.66
CA PRO A 524 11.99 1.96 -12.38
C PRO A 524 10.81 2.94 -12.49
N MET A 525 9.89 2.73 -13.44
CA MET A 525 8.76 3.63 -13.63
C MET A 525 7.67 3.40 -12.58
N GLN A 526 7.31 2.15 -12.34
CA GLN A 526 6.27 1.84 -11.39
C GLN A 526 6.70 2.17 -9.97
N GLY A 527 7.97 1.95 -9.64
CA GLY A 527 8.53 2.22 -8.32
C GLY A 527 8.72 3.70 -8.05
N THR A 528 9.07 4.50 -9.06
CA THR A 528 9.21 5.93 -8.82
C THR A 528 7.83 6.52 -8.58
N ALA A 529 6.80 6.01 -9.28
CA ALA A 529 5.42 6.41 -9.04
C ALA A 529 5.10 6.12 -7.58
N ALA A 530 5.32 4.89 -7.09
CA ALA A 530 5.06 4.52 -5.70
C ALA A 530 5.76 5.47 -4.75
N ASP A 531 7.08 5.64 -4.85
CA ASP A 531 7.81 6.55 -3.99
C ASP A 531 7.20 7.93 -3.95
N ILE A 532 6.86 8.49 -5.11
CA ILE A 532 6.24 9.82 -5.17
C ILE A 532 4.89 9.83 -4.44
N ILE A 533 4.02 8.86 -4.64
CA ILE A 533 2.75 8.81 -3.94
C ILE A 533 3.02 8.85 -2.44
N LYS A 534 3.90 7.95 -1.96
CA LYS A 534 4.29 7.84 -0.54
C LYS A 534 4.85 9.15 0.02
N ARG A 535 5.71 9.85 -0.72
CA ARG A 535 6.23 11.15 -0.28
C ARG A 535 5.08 12.15 -0.19
N ALA A 536 4.10 12.05 -1.11
CA ALA A 536 2.95 12.93 -1.07
C ALA A 536 2.12 12.62 0.15
N MET A 537 1.92 11.35 0.49
CA MET A 537 1.11 10.98 1.63
C MET A 537 1.68 11.49 2.91
N ILE A 538 2.99 11.33 3.09
CA ILE A 538 3.70 11.77 4.28
C ILE A 538 3.69 13.31 4.36
N ALA A 539 3.96 14.00 3.25
CA ALA A 539 3.94 15.44 3.25
C ALA A 539 2.55 15.98 3.59
N VAL A 540 1.47 15.42 3.03
CA VAL A 540 0.11 15.89 3.30
C VAL A 540 -0.29 15.56 4.73
N ASP A 541 0.02 14.38 5.24
CA ASP A 541 -0.32 14.05 6.62
C ASP A 541 0.34 14.96 7.64
N ALA A 542 1.52 15.44 7.31
CA ALA A 542 2.27 16.32 8.19
C ALA A 542 1.52 17.62 8.40
N TRP A 543 1.04 18.15 7.27
CA TRP A 543 0.27 19.38 7.26
C TRP A 543 -1.00 19.15 8.04
N LEU A 544 -1.76 18.13 7.72
CA LEU A 544 -2.97 17.79 8.47
C LEU A 544 -2.70 17.65 9.96
N GLN A 545 -1.55 17.09 10.35
CA GLN A 545 -1.26 16.92 11.76
C GLN A 545 -0.91 18.23 12.40
N ALA A 546 -0.16 19.08 11.70
CA ALA A 546 0.25 20.37 12.24
C ALA A 546 -0.83 21.45 12.23
N GLU A 547 -1.55 21.63 11.13
CA GLU A 547 -2.55 22.68 11.00
C GLU A 547 -3.92 22.19 11.44
N GLN A 548 -4.15 20.87 11.46
CA GLN A 548 -5.42 20.27 11.79
C GLN A 548 -6.69 20.81 11.09
N PRO A 549 -6.78 20.89 9.74
CA PRO A 549 -7.98 21.40 9.10
C PRO A 549 -9.13 20.39 9.17
N ARG A 550 -10.34 20.74 8.75
CA ARG A 550 -11.45 19.79 8.78
C ARG A 550 -11.33 18.94 7.53
N VAL A 551 -10.38 18.02 7.51
CA VAL A 551 -10.19 17.09 6.41
C VAL A 551 -9.53 15.86 6.97
N ARG A 552 -9.71 14.72 6.34
CA ARG A 552 -9.04 13.53 6.76
C ARG A 552 -8.77 12.69 5.53
N MET A 553 -7.62 12.05 5.45
CA MET A 553 -7.23 11.26 4.29
C MET A 553 -7.88 9.88 4.44
N ILE A 554 -8.82 9.54 3.55
CA ILE A 554 -9.55 8.30 3.75
C ILE A 554 -9.14 7.14 2.87
N MET A 555 -8.43 7.33 1.77
CA MET A 555 -7.98 6.18 0.99
C MET A 555 -6.93 6.56 -0.03
N GLN A 556 -6.24 5.59 -0.57
CA GLN A 556 -5.19 5.79 -1.53
C GLN A 556 -5.44 4.65 -2.50
N VAL A 557 -5.60 4.91 -3.79
CA VAL A 557 -5.88 3.87 -4.77
C VAL A 557 -5.16 4.31 -6.03
N HIS A 558 -4.39 3.41 -6.67
CA HIS A 558 -3.61 3.71 -7.89
C HIS A 558 -2.76 4.99 -7.73
N ASP A 559 -3.00 6.11 -8.43
CA ASP A 559 -2.17 7.30 -8.31
C ASP A 559 -3.00 8.42 -7.71
N GLU A 560 -3.92 8.05 -6.83
CA GLU A 560 -4.88 8.96 -6.27
C GLU A 560 -4.96 8.92 -4.78
N LEU A 561 -5.14 10.10 -4.20
CA LEU A 561 -5.33 10.28 -2.78
C LEU A 561 -6.73 10.84 -2.60
N VAL A 562 -7.56 10.18 -1.79
CA VAL A 562 -8.93 10.65 -1.60
C VAL A 562 -9.09 11.16 -0.18
N PHE A 563 -9.83 12.26 0.01
CA PHE A 563 -10.04 12.89 1.31
C PHE A 563 -11.48 13.29 1.55
N GLU A 564 -11.86 13.46 2.80
CA GLU A 564 -13.15 14.01 3.15
C GLU A 564 -12.79 15.39 3.60
N VAL A 565 -13.47 16.43 3.16
CA VAL A 565 -13.17 17.75 3.69
C VAL A 565 -14.44 18.58 3.77
N HIS A 566 -14.53 19.43 4.79
CA HIS A 566 -15.70 20.27 5.04
C HIS A 566 -16.08 21.09 3.82
N LYS A 567 -17.37 21.14 3.49
CA LYS A 567 -17.87 21.90 2.33
C LYS A 567 -17.41 23.34 2.30
N ASP A 568 -17.27 23.95 3.47
CA ASP A 568 -16.83 25.33 3.55
C ASP A 568 -15.30 25.51 3.41
N ASP A 569 -14.54 24.42 3.57
CA ASP A 569 -13.08 24.45 3.52
C ASP A 569 -12.51 23.89 2.24
N VAL A 570 -13.33 23.43 1.30
CA VAL A 570 -12.80 22.77 0.12
C VAL A 570 -11.84 23.58 -0.72
N ASP A 571 -12.13 24.86 -0.93
CA ASP A 571 -11.31 25.71 -1.78
C ASP A 571 -9.89 25.89 -1.34
N ALA A 572 -9.67 26.09 -0.06
CA ALA A 572 -8.32 26.21 0.42
C ALA A 572 -7.67 24.83 0.56
N VAL A 573 -8.44 23.81 0.95
CA VAL A 573 -7.88 22.49 1.13
C VAL A 573 -7.42 21.93 -0.19
N ALA A 574 -8.15 22.17 -1.28
CA ALA A 574 -7.73 21.67 -2.57
C ALA A 574 -6.48 22.41 -3.04
N LYS A 575 -6.38 23.70 -2.72
CA LYS A 575 -5.22 24.50 -3.10
C LYS A 575 -3.99 23.95 -2.41
N GLN A 576 -4.02 23.72 -1.10
CA GLN A 576 -2.86 23.20 -0.42
C GLN A 576 -2.54 21.78 -0.81
N ILE A 577 -3.50 20.85 -0.92
CA ILE A 577 -3.26 19.47 -1.33
C ILE A 577 -2.50 19.52 -2.64
N HIS A 578 -3.01 20.24 -3.63
CA HIS A 578 -2.39 20.38 -4.96
C HIS A 578 -0.93 20.85 -4.93
N GLN A 579 -0.68 21.96 -4.23
CA GLN A 579 0.64 22.53 -4.09
C GLN A 579 1.60 21.57 -3.35
N LEU A 580 1.14 20.81 -2.35
CA LEU A 580 1.98 19.88 -1.61
C LEU A 580 2.30 18.66 -2.41
N MET A 581 1.39 18.16 -3.19
CA MET A 581 1.65 17.00 -3.97
C MET A 581 2.55 17.32 -5.17
N GLU A 582 2.43 18.51 -5.76
CA GLU A 582 3.28 18.85 -6.88
C GLU A 582 4.67 19.33 -6.50
N ASN A 583 4.84 20.09 -5.41
CA ASN A 583 6.15 20.62 -5.10
C ASN A 583 6.91 19.92 -4.00
N CYS A 584 6.27 19.12 -3.12
CA CYS A 584 7.00 18.50 -2.03
C CYS A 584 7.37 17.05 -2.25
N THR A 585 7.61 16.69 -3.52
CA THR A 585 7.98 15.33 -3.83
C THR A 585 9.21 15.40 -4.73
N ARG A 586 9.32 14.71 -5.87
CA ARG A 586 10.49 14.83 -6.71
C ARG A 586 10.28 16.10 -7.53
N LEU A 587 11.26 17.01 -7.65
CA LEU A 587 11.07 18.18 -8.49
C LEU A 587 11.69 17.99 -9.89
N ASP A 588 12.20 16.79 -10.19
CA ASP A 588 12.82 16.55 -11.47
C ASP A 588 11.89 15.90 -12.48
N VAL A 589 10.75 15.39 -12.02
CA VAL A 589 9.82 14.71 -12.90
C VAL A 589 8.73 15.74 -13.16
N PRO A 590 8.18 15.92 -14.37
CA PRO A 590 7.11 16.91 -14.62
C PRO A 590 5.78 16.39 -14.02
N LEU A 591 5.41 16.84 -12.83
CA LEU A 591 4.22 16.36 -12.14
C LEU A 591 3.02 17.25 -12.31
N LEU A 592 1.84 16.63 -12.36
CA LEU A 592 0.58 17.34 -12.45
C LEU A 592 -0.45 16.62 -11.61
N VAL A 593 -1.10 17.35 -10.70
CA VAL A 593 -2.17 16.80 -9.87
C VAL A 593 -3.49 17.45 -10.26
N GLU A 594 -4.42 16.65 -10.79
CA GLU A 594 -5.74 17.14 -11.15
C GLU A 594 -6.57 16.88 -9.91
N VAL A 595 -7.06 17.93 -9.24
CA VAL A 595 -7.89 17.79 -8.02
C VAL A 595 -9.41 17.84 -8.32
N GLY A 596 -10.23 16.99 -7.70
CA GLY A 596 -11.67 16.98 -7.93
C GLY A 596 -12.37 16.90 -6.58
N SER A 597 -13.67 17.20 -6.50
CA SER A 597 -14.43 17.13 -5.26
C SER A 597 -15.89 16.82 -5.59
N GLY A 598 -16.71 16.31 -4.67
CA GLY A 598 -18.11 16.02 -4.97
C GLY A 598 -18.76 15.37 -3.78
N GLU A 599 -20.05 15.04 -3.83
CA GLU A 599 -20.67 14.45 -2.67
C GLU A 599 -20.39 12.95 -2.58
N ASN A 600 -19.77 12.36 -3.59
CA ASN A 600 -19.39 10.95 -3.51
C ASN A 600 -18.14 10.78 -4.34
N TRP A 601 -17.45 9.64 -4.24
CA TRP A 601 -16.19 9.45 -4.95
C TRP A 601 -16.31 9.58 -6.46
N ASP A 602 -17.32 9.02 -7.09
CA ASP A 602 -17.49 9.16 -8.53
C ASP A 602 -17.61 10.60 -8.99
N GLN A 603 -18.26 11.48 -8.24
CA GLN A 603 -18.33 12.87 -8.67
C GLN A 603 -16.97 13.53 -8.55
N ALA A 604 -16.22 13.18 -7.49
CA ALA A 604 -14.90 13.74 -7.23
C ALA A 604 -13.92 13.35 -8.31
N HIS A 605 -13.92 12.08 -8.66
CA HIS A 605 -13.08 11.56 -9.70
C HIS A 605 -13.54 12.17 -11.04
#